data_5RYW
#
_entry.id   5RYW
#
_cell.length_a   38.720
_cell.length_b   77.310
_cell.length_c   99.130
_cell.angle_alpha   90.000
_cell.angle_beta   90.000
_cell.angle_gamma   90.000
#
_symmetry.space_group_name_H-M   'P 21 21 21'
#
loop_
_entity.id
_entity.type
_entity.pdbx_description
1 polymer 'Isoform 2 of Band 4.1-like protein 3'
2 non-polymer [3,4-bis(fluoranyl)phenyl]-(4-methylpiperazin-1-yl)methanone
3 non-polymer 'DIMETHYL SULFOXIDE'
4 non-polymer 1,2-ETHANEDIOL
5 water water
#
_entity_poly.entity_id   1
_entity_poly.type   'polypeptide(L)'
_entity_poly.pdbx_seq_one_letter_code
;SMPKSMQCKVILLDGSEYTCDVEKRSRGQVLFDKVCEHLNLLEKDYFGLTYRDAENQKNWLDPAKEIKKQVRSGAWHFSF
NVKFYPPDPAQLSEDITRYYLCLQLRDDIVSGRLPCSFVTLALLGSYTVQSELGDYDPDECGSDYISEFRFAPNHTKELE
DKVIELHKSHRGMTPAEAEMHFLENAKKLSMYGVDLHHAKDSEGVEIMLGVCASGLLIYRDRLRINRFAWPKVLKISYKR
NNFYIKIRPGEFEQFESTIGFKLPNHRAAKRLWKVCVEHHTFFRLL
;
_entity_poly.pdbx_strand_id   A
#
loop_
_chem_comp.id
_chem_comp.type
_chem_comp.name
_chem_comp.formula
DMS non-polymer 'DIMETHYL SULFOXIDE' 'C2 H6 O S'
EDO non-polymer 1,2-ETHANEDIOL 'C2 H6 O2'
ELQ non-polymer [3,4-bis(fluoranyl)phenyl]-(4-methylpiperazin-1-yl)methanone 'C12 H14 F2 N2 O'
#
# COMPACT_ATOMS: atom_id res chain seq x y z
N PRO A 3 -32.34 2.31 -16.85
CA PRO A 3 -31.22 1.63 -16.15
C PRO A 3 -30.98 2.23 -14.76
N LYS A 4 -31.00 1.39 -13.72
CA LYS A 4 -30.88 1.91 -12.34
C LYS A 4 -29.41 2.04 -11.96
N SER A 5 -29.04 3.19 -11.39
N SER A 5 -29.04 3.22 -11.46
CA SER A 5 -27.65 3.55 -11.05
CA SER A 5 -27.65 3.56 -11.06
C SER A 5 -27.48 3.72 -9.54
C SER A 5 -27.53 3.46 -9.53
N MET A 6 -26.30 3.37 -9.03
CA MET A 6 -25.96 3.44 -7.60
C MET A 6 -24.88 4.52 -7.48
N GLN A 7 -25.03 5.39 -6.51
CA GLN A 7 -24.05 6.41 -6.19
C GLN A 7 -22.84 5.74 -5.53
N CYS A 8 -21.63 6.09 -5.96
CA CYS A 8 -20.38 5.57 -5.36
C CYS A 8 -19.63 6.74 -4.76
N LYS A 9 -19.12 6.59 -3.54
CA LYS A 9 -18.24 7.62 -2.95
C LYS A 9 -16.86 7.00 -2.80
N VAL A 10 -15.84 7.69 -3.31
CA VAL A 10 -14.45 7.18 -3.28
C VAL A 10 -13.58 8.17 -2.55
N ILE A 11 -12.92 7.74 -1.46
CA ILE A 11 -11.94 8.60 -0.76
C ILE A 11 -10.65 8.54 -1.57
N LEU A 12 -10.23 9.70 -2.06
CA LEU A 12 -9.00 9.85 -2.85
C LEU A 12 -7.79 10.00 -1.92
N LEU A 13 -6.60 9.87 -2.47
CA LEU A 13 -5.40 9.77 -1.61
C LEU A 13 -5.07 11.12 -0.98
N ASP A 14 -5.57 12.23 -1.54
CA ASP A 14 -5.40 13.57 -0.90
C ASP A 14 -6.51 13.79 0.12
N GLY A 15 -7.38 12.81 0.36
CA GLY A 15 -8.38 12.86 1.45
C GLY A 15 -9.70 13.47 0.99
N SER A 16 -9.78 13.93 -0.24
CA SER A 16 -11.05 14.41 -0.83
C SER A 16 -11.91 13.22 -1.28
N GLU A 17 -13.18 13.53 -1.53
CA GLU A 17 -14.22 12.55 -1.93
C GLU A 17 -14.54 12.71 -3.42
N TYR A 18 -14.47 11.64 -4.20
CA TYR A 18 -15.02 11.61 -5.58
C TYR A 18 -16.36 10.89 -5.54
N THR A 19 -17.41 11.50 -6.10
CA THR A 19 -18.74 10.87 -6.20
C THR A 19 -19.07 10.66 -7.67
N CYS A 20 -19.56 9.48 -8.01
CA CYS A 20 -20.08 9.19 -9.37
C CYS A 20 -21.20 8.16 -9.28
N ASP A 21 -21.86 7.88 -10.39
CA ASP A 21 -22.91 6.84 -10.42
C ASP A 21 -22.46 5.77 -11.40
N VAL A 22 -22.80 4.53 -11.12
CA VAL A 22 -22.65 3.41 -12.08
C VAL A 22 -23.95 2.61 -12.09
N GLU A 23 -24.23 1.92 -13.19
CA GLU A 23 -25.35 0.96 -13.28
C GLU A 23 -25.18 -0.06 -12.15
N LYS A 24 -26.27 -0.40 -11.46
CA LYS A 24 -26.19 -1.20 -10.19
C LYS A 24 -25.55 -2.59 -10.42
N ARG A 25 -25.55 -3.14 -11.64
CA ARG A 25 -24.94 -4.46 -11.94
C ARG A 25 -23.49 -4.27 -12.44
N SER A 26 -22.93 -3.07 -12.36
CA SER A 26 -21.58 -2.75 -12.86
C SER A 26 -20.50 -3.59 -12.15
N ARG A 27 -19.47 -3.97 -12.90
CA ARG A 27 -18.27 -4.60 -12.35
C ARG A 27 -17.31 -3.57 -11.79
N GLY A 28 -16.40 -4.02 -10.92
CA GLY A 28 -15.47 -3.09 -10.27
C GLY A 28 -14.71 -2.24 -11.29
N GLN A 29 -14.34 -2.83 -12.44
CA GLN A 29 -13.45 -2.13 -13.40
C GLN A 29 -14.11 -0.82 -13.84
N VAL A 30 -15.45 -0.82 -13.94
CA VAL A 30 -16.25 0.34 -14.42
C VAL A 30 -15.99 1.52 -13.51
N LEU A 31 -16.14 1.32 -12.19
CA LEU A 31 -15.92 2.40 -11.19
C LEU A 31 -14.43 2.77 -11.25
N PHE A 32 -13.56 1.80 -11.25
CA PHE A 32 -12.10 2.10 -11.21
C PHE A 32 -11.70 2.98 -12.40
N ASP A 33 -12.17 2.63 -13.60
CA ASP A 33 -11.88 3.39 -14.83
C ASP A 33 -12.36 4.84 -14.64
N LYS A 34 -13.55 5.06 -14.07
CA LYS A 34 -14.05 6.43 -13.79
C LYS A 34 -13.12 7.17 -12.82
N VAL A 35 -12.69 6.52 -11.75
CA VAL A 35 -11.83 7.21 -10.76
C VAL A 35 -10.50 7.54 -11.44
N CYS A 36 -9.94 6.61 -12.19
CA CYS A 36 -8.63 6.80 -12.85
C CYS A 36 -8.69 7.93 -13.89
N GLU A 37 -9.76 8.00 -14.67
CA GLU A 37 -9.96 9.14 -15.59
C GLU A 37 -10.01 10.44 -14.78
N HIS A 38 -10.80 10.50 -13.70
CA HIS A 38 -10.83 11.68 -12.80
C HIS A 38 -9.41 12.10 -12.39
N LEU A 39 -8.54 11.14 -12.07
CA LEU A 39 -7.21 11.40 -11.50
C LEU A 39 -6.22 11.65 -12.63
N ASN A 40 -6.62 11.57 -13.90
CA ASN A 40 -5.67 11.66 -15.05
C ASN A 40 -4.55 10.61 -14.93
N LEU A 41 -4.89 9.41 -14.49
CA LEU A 41 -3.90 8.34 -14.24
C LEU A 41 -3.97 7.29 -15.35
N LEU A 42 -2.83 7.01 -15.98
CA LEU A 42 -2.71 6.07 -17.12
C LEU A 42 -2.07 4.76 -16.65
N GLU A 43 -1.11 4.84 -15.71
CA GLU A 43 -0.41 3.64 -15.22
C GLU A 43 -1.25 3.04 -14.11
N LYS A 44 -2.41 2.51 -14.50
CA LYS A 44 -3.50 2.12 -13.57
C LYS A 44 -3.22 0.75 -12.93
N ASP A 45 -2.32 -0.05 -13.46
CA ASP A 45 -2.19 -1.47 -13.02
C ASP A 45 -1.64 -1.55 -11.57
N TYR A 46 -1.00 -0.50 -11.06
CA TYR A 46 -0.47 -0.47 -9.67
C TYR A 46 -1.57 -0.20 -8.64
N PHE A 47 -2.78 0.21 -9.06
CA PHE A 47 -3.76 0.76 -8.10
C PHE A 47 -5.00 -0.11 -8.08
N GLY A 48 -5.88 0.17 -7.12
CA GLY A 48 -7.14 -0.55 -6.94
C GLY A 48 -8.03 0.25 -6.04
N LEU A 49 -9.24 -0.25 -5.84
CA LEU A 49 -10.17 0.32 -4.84
C LEU A 49 -10.34 -0.67 -3.71
N THR A 50 -10.43 -0.15 -2.48
CA THR A 50 -10.72 -0.96 -1.29
C THR A 50 -12.13 -0.62 -0.81
N TYR A 51 -12.74 -1.58 -0.12
CA TYR A 51 -14.01 -1.34 0.61
C TYR A 51 -13.86 -2.05 1.94
N ARG A 52 -14.72 -1.72 2.90
CA ARG A 52 -14.76 -2.40 4.22
C ARG A 52 -15.92 -3.41 4.22
N ASP A 53 -15.66 -4.66 4.60
CA ASP A 53 -16.69 -5.73 4.61
C ASP A 53 -17.52 -5.58 5.89
N ALA A 54 -18.47 -6.50 6.12
CA ALA A 54 -19.38 -6.45 7.30
C ALA A 54 -18.58 -6.75 8.60
N GLU A 55 -17.35 -7.24 8.51
CA GLU A 55 -16.44 -7.42 9.68
C GLU A 55 -15.51 -6.19 9.86
N ASN A 56 -15.70 -5.13 9.05
CA ASN A 56 -14.87 -3.89 8.97
C ASN A 56 -13.43 -4.17 8.48
N GLN A 57 -13.20 -5.23 7.72
CA GLN A 57 -11.87 -5.57 7.16
C GLN A 57 -11.76 -4.91 5.78
N LYS A 58 -10.58 -4.39 5.46
CA LYS A 58 -10.26 -3.89 4.10
C LYS A 58 -10.20 -5.06 3.14
N ASN A 59 -10.89 -4.90 2.01
CA ASN A 59 -10.92 -5.85 0.89
C ASN A 59 -10.61 -5.11 -0.39
N TRP A 60 -9.90 -5.72 -1.32
CA TRP A 60 -9.76 -5.13 -2.68
C TRP A 60 -11.06 -5.38 -3.42
N LEU A 61 -11.59 -4.37 -4.07
CA LEU A 61 -12.67 -4.53 -5.06
C LEU A 61 -12.13 -5.26 -6.28
N ASP A 62 -12.68 -6.44 -6.55
CA ASP A 62 -12.28 -7.24 -7.74
C ASP A 62 -12.86 -6.58 -8.97
N PRO A 63 -12.03 -6.11 -9.92
CA PRO A 63 -12.56 -5.37 -11.08
C PRO A 63 -13.37 -6.24 -12.04
N ALA A 64 -13.23 -7.57 -11.94
CA ALA A 64 -13.95 -8.51 -12.84
C ALA A 64 -15.34 -8.84 -12.32
N LYS A 65 -15.63 -8.57 -11.04
CA LYS A 65 -16.87 -9.04 -10.38
C LYS A 65 -17.81 -7.87 -10.15
N GLU A 66 -19.13 -8.13 -10.10
CA GLU A 66 -20.15 -7.09 -9.79
C GLU A 66 -19.80 -6.43 -8.44
N ILE A 67 -19.88 -5.12 -8.42
CA ILE A 67 -19.69 -4.35 -7.18
C ILE A 67 -20.65 -4.84 -6.10
N LYS A 68 -21.92 -5.04 -6.47
CA LYS A 68 -22.99 -5.36 -5.50
C LYS A 68 -22.70 -6.71 -4.83
N LYS A 69 -22.07 -7.64 -5.53
CA LYS A 69 -21.76 -8.99 -4.98
C LYS A 69 -20.54 -8.95 -4.05
N GLN A 70 -19.84 -7.81 -3.99
CA GLN A 70 -18.69 -7.64 -3.09
C GLN A 70 -19.10 -6.79 -1.88
N VAL A 71 -19.71 -5.63 -2.09
CA VAL A 71 -20.08 -4.74 -0.96
C VAL A 71 -21.31 -5.37 -0.24
N ARG A 72 -22.11 -6.14 -0.99
CA ARG A 72 -23.30 -6.88 -0.49
C ARG A 72 -24.19 -5.92 0.31
N SER A 73 -24.24 -6.07 1.63
CA SER A 73 -25.17 -5.30 2.49
C SER A 73 -24.60 -3.91 2.81
N GLY A 74 -23.31 -3.67 2.55
CA GLY A 74 -22.64 -2.43 2.95
C GLY A 74 -22.83 -1.30 1.97
N ALA A 75 -22.32 -0.15 2.37
CA ALA A 75 -22.39 1.10 1.60
C ALA A 75 -21.46 0.99 0.38
N TRP A 76 -21.81 1.71 -0.66
CA TRP A 76 -20.97 1.79 -1.90
C TRP A 76 -19.95 2.91 -1.68
N HIS A 77 -19.05 2.64 -0.75
CA HIS A 77 -18.04 3.56 -0.22
C HIS A 77 -16.68 2.89 -0.37
N PHE A 78 -15.76 3.57 -0.99
CA PHE A 78 -14.47 2.97 -1.41
C PHE A 78 -13.34 3.91 -1.08
N SER A 79 -12.12 3.38 -1.05
CA SER A 79 -10.89 4.18 -1.09
C SER A 79 -10.06 3.82 -2.32
N PHE A 80 -9.41 4.82 -2.90
CA PHE A 80 -8.45 4.62 -4.00
C PHE A 80 -7.05 4.42 -3.40
N ASN A 81 -6.38 3.31 -3.72
CA ASN A 81 -5.10 2.95 -3.05
C ASN A 81 -4.10 2.34 -4.03
N VAL A 82 -2.85 2.37 -3.62
CA VAL A 82 -1.81 1.58 -4.32
C VAL A 82 -2.02 0.11 -3.92
N LYS A 83 -2.12 -0.77 -4.90
CA LYS A 83 -2.27 -2.22 -4.65
C LYS A 83 -0.90 -2.91 -4.77
N PHE A 84 -0.19 -2.64 -5.85
CA PHE A 84 1.15 -3.21 -6.11
C PHE A 84 2.17 -2.09 -6.04
N TYR A 85 3.01 -2.08 -5.00
CA TYR A 85 4.02 -1.02 -4.83
C TYR A 85 5.20 -1.29 -5.76
N PRO A 86 5.50 -0.39 -6.70
CA PRO A 86 6.62 -0.60 -7.63
C PRO A 86 7.93 -0.75 -6.87
N PRO A 87 8.74 -1.81 -7.06
CA PRO A 87 10.03 -1.90 -6.39
C PRO A 87 11.00 -0.80 -6.84
N ASP A 88 10.80 -0.26 -8.04
CA ASP A 88 11.71 0.74 -8.64
C ASP A 88 10.88 1.88 -9.21
N PRO A 89 10.36 2.79 -8.37
CA PRO A 89 9.49 3.85 -8.90
C PRO A 89 10.10 4.73 -9.99
N ALA A 90 11.44 4.82 -10.05
CA ALA A 90 12.12 5.58 -11.13
C ALA A 90 11.74 5.03 -12.50
N GLN A 91 11.39 3.76 -12.61
CA GLN A 91 11.05 3.14 -13.93
C GLN A 91 9.58 3.36 -14.30
N LEU A 92 8.75 3.93 -13.41
CA LEU A 92 7.38 4.30 -13.84
C LEU A 92 7.49 5.35 -14.94
N SER A 93 6.56 5.31 -15.89
CA SER A 93 6.59 6.17 -17.10
C SER A 93 6.24 7.62 -16.74
N GLU A 94 5.28 7.82 -15.85
CA GLU A 94 4.71 9.17 -15.60
C GLU A 94 4.96 9.69 -14.19
N ASP A 95 5.24 11.00 -14.13
CA ASP A 95 5.37 11.72 -12.86
C ASP A 95 4.04 11.60 -12.10
N ILE A 96 2.89 11.64 -12.77
CA ILE A 96 1.60 11.63 -12.01
C ILE A 96 1.46 10.31 -11.26
N THR A 97 2.01 9.22 -11.78
CA THR A 97 1.97 7.91 -11.11
C THR A 97 2.79 8.01 -9.82
N ARG A 98 3.99 8.61 -9.92
CA ARG A 98 4.91 8.79 -8.78
C ARG A 98 4.20 9.64 -7.74
N TYR A 99 3.48 10.66 -8.19
CA TYR A 99 2.72 11.57 -7.30
C TYR A 99 1.70 10.78 -6.46
N TYR A 100 0.87 9.95 -7.05
CA TYR A 100 -0.13 9.17 -6.28
C TYR A 100 0.57 8.18 -5.36
N LEU A 101 1.69 7.59 -5.80
CA LEU A 101 2.47 6.65 -4.96
C LEU A 101 2.99 7.40 -3.72
N CYS A 102 3.45 8.64 -3.89
CA CYS A 102 3.91 9.45 -2.75
C CYS A 102 2.72 9.63 -1.80
N LEU A 103 1.56 10.02 -2.35
CA LEU A 103 0.41 10.31 -1.47
C LEU A 103 0.09 9.03 -0.66
N GLN A 104 0.14 7.86 -1.27
CA GLN A 104 -0.19 6.61 -0.55
C GLN A 104 0.82 6.40 0.58
N LEU A 105 2.10 6.57 0.24
CA LEU A 105 3.19 6.31 1.20
C LEU A 105 3.10 7.30 2.35
N ARG A 106 2.73 8.54 2.09
CA ARG A 106 2.54 9.53 3.17
C ARG A 106 1.49 9.01 4.16
N ASP A 107 0.40 8.41 3.68
CA ASP A 107 -0.63 7.79 4.57
C ASP A 107 -0.07 6.55 5.26
N ASP A 108 0.73 5.73 4.56
CA ASP A 108 1.32 4.51 5.16
C ASP A 108 2.22 4.93 6.34
N ILE A 109 2.91 6.06 6.20
CA ILE A 109 3.82 6.55 7.25
C ILE A 109 2.99 7.07 8.43
N VAL A 110 2.05 7.97 8.18
CA VAL A 110 1.26 8.68 9.22
C VAL A 110 0.45 7.63 10.02
N SER A 111 -0.04 6.62 9.32
CA SER A 111 -0.86 5.53 9.89
C SER A 111 -0.02 4.59 10.76
N GLY A 112 1.31 4.58 10.62
CA GLY A 112 2.23 3.60 11.24
C GLY A 112 2.33 2.26 10.53
N ARG A 113 1.70 2.09 9.36
CA ARG A 113 1.86 0.85 8.56
C ARG A 113 3.30 0.73 8.06
N LEU A 114 3.97 1.85 7.87
CA LEU A 114 5.34 1.88 7.29
C LEU A 114 6.25 2.54 8.30
N PRO A 115 6.88 1.74 9.19
CA PRO A 115 7.71 2.29 10.25
C PRO A 115 8.93 2.93 9.60
N CYS A 116 9.46 3.95 10.24
N CYS A 116 9.33 4.06 10.15
CA CYS A 116 10.49 4.85 9.65
CA CYS A 116 10.49 4.89 9.71
C CYS A 116 11.27 5.50 10.78
C CYS A 116 11.33 5.29 10.92
N SER A 117 12.61 5.56 10.68
CA SER A 117 13.50 6.19 11.65
C SER A 117 13.13 7.68 11.69
N PHE A 118 13.44 8.32 12.81
CA PHE A 118 13.34 9.79 12.96
C PHE A 118 13.92 10.52 11.73
N VAL A 119 15.14 10.19 11.35
CA VAL A 119 15.82 10.98 10.30
C VAL A 119 15.10 10.76 8.98
N THR A 120 14.73 9.52 8.69
CA THR A 120 14.01 9.27 7.42
C THR A 120 12.62 9.94 7.45
N LEU A 121 11.92 9.98 8.58
CA LEU A 121 10.64 10.72 8.64
C LEU A 121 10.90 12.18 8.24
N ALA A 122 11.96 12.77 8.77
CA ALA A 122 12.27 14.21 8.53
C ALA A 122 12.67 14.40 7.06
N LEU A 123 13.45 13.47 6.54
CA LEU A 123 13.89 13.61 5.12
C LEU A 123 12.69 13.50 4.19
N LEU A 124 11.86 12.48 4.36
CA LEU A 124 10.65 12.32 3.52
C LEU A 124 9.76 13.57 3.67
N GLY A 125 9.53 14.03 4.89
CA GLY A 125 8.76 15.25 5.13
C GLY A 125 9.35 16.43 4.37
N SER A 126 10.67 16.58 4.38
CA SER A 126 11.35 17.69 3.68
C SER A 126 11.10 17.64 2.17
N TYR A 127 11.08 16.45 1.55
CA TYR A 127 10.77 16.34 0.10
C TYR A 127 9.29 16.64 -0.15
N THR A 128 8.40 16.19 0.71
CA THR A 128 6.97 16.55 0.57
C THR A 128 6.85 18.09 0.57
N VAL A 129 7.50 18.76 1.54
CA VAL A 129 7.34 20.22 1.71
C VAL A 129 7.88 20.87 0.44
N GLN A 130 9.01 20.38 -0.08
CA GLN A 130 9.66 20.96 -1.26
C GLN A 130 8.72 20.85 -2.49
N SER A 131 8.15 19.68 -2.72
N SER A 131 8.10 19.69 -2.68
CA SER A 131 7.18 19.43 -3.82
CA SER A 131 7.18 19.42 -3.82
C SER A 131 5.98 20.37 -3.65
C SER A 131 5.90 20.22 -3.68
N GLU A 132 5.39 20.40 -2.45
CA GLU A 132 4.10 21.08 -2.16
C GLU A 132 4.25 22.61 -2.04
N LEU A 133 5.27 23.11 -1.34
CA LEU A 133 5.41 24.58 -1.13
C LEU A 133 6.50 25.15 -2.01
N GLY A 134 7.37 24.32 -2.57
CA GLY A 134 8.57 24.84 -3.25
C GLY A 134 9.66 25.24 -2.27
N ASP A 135 10.46 26.22 -2.64
CA ASP A 135 11.71 26.56 -1.92
C ASP A 135 11.42 27.06 -0.53
N TYR A 136 12.26 26.70 0.44
CA TYR A 136 12.30 27.22 1.81
C TYR A 136 12.18 28.76 1.80
N ASP A 137 11.28 29.29 2.64
CA ASP A 137 11.00 30.73 2.87
C ASP A 137 10.98 30.98 4.38
N PRO A 138 11.97 31.71 4.93
CA PRO A 138 12.00 32.01 6.37
C PRO A 138 10.83 32.88 6.87
N ASP A 139 10.18 33.62 5.97
CA ASP A 139 9.00 34.49 6.26
C ASP A 139 7.84 33.67 6.81
N GLU A 140 7.60 32.48 6.25
CA GLU A 140 6.49 31.56 6.72
C GLU A 140 6.97 30.76 7.93
N CYS A 141 8.26 30.42 7.99
CA CYS A 141 8.84 29.52 9.01
C CYS A 141 9.65 30.31 10.05
N GLY A 142 9.06 30.53 11.22
CA GLY A 142 9.74 31.06 12.41
C GLY A 142 10.35 29.93 13.21
N SER A 143 10.99 30.25 14.33
CA SER A 143 11.58 29.27 15.29
C SER A 143 10.45 28.39 15.86
N ASP A 144 9.20 28.85 15.80
CA ASP A 144 8.04 28.15 16.41
C ASP A 144 7.17 27.48 15.33
N TYR A 145 7.69 27.26 14.12
CA TYR A 145 6.90 26.74 12.97
C TYR A 145 6.51 25.28 13.25
N ILE A 146 5.24 24.95 12.99
CA ILE A 146 4.69 23.57 12.86
C ILE A 146 3.88 23.49 11.56
N SER A 147 4.27 22.57 10.66
CA SER A 147 3.68 22.41 9.31
C SER A 147 2.24 21.94 9.45
N GLU A 148 1.38 22.31 8.49
CA GLU A 148 0.04 21.68 8.36
C GLU A 148 0.23 20.21 7.94
N PHE A 149 1.37 19.85 7.35
CA PHE A 149 1.62 18.52 6.76
C PHE A 149 1.83 17.56 7.92
N ARG A 150 1.12 16.45 7.81
CA ARG A 150 1.31 15.25 8.66
C ARG A 150 2.50 14.48 8.11
N PHE A 151 3.48 14.27 8.94
CA PHE A 151 4.76 13.58 8.58
C PHE A 151 4.92 12.23 9.26
N ALA A 152 4.22 11.96 10.37
CA ALA A 152 4.57 10.84 11.25
C ALA A 152 3.37 10.45 12.10
N PRO A 153 3.38 9.22 12.65
CA PRO A 153 2.32 8.79 13.55
C PRO A 153 2.25 9.65 14.82
N ASN A 154 3.37 10.24 15.23
CA ASN A 154 3.39 11.24 16.34
C ASN A 154 4.32 12.39 15.94
N HIS A 155 3.91 13.62 16.17
CA HIS A 155 4.74 14.78 15.83
C HIS A 155 5.45 15.31 17.06
N THR A 156 6.70 15.73 16.91
CA THR A 156 7.44 16.47 17.95
C THR A 156 8.01 17.74 17.32
N LYS A 157 8.34 18.69 18.16
CA LYS A 157 8.98 19.93 17.68
C LYS A 157 10.35 19.57 17.09
N GLU A 158 11.06 18.62 17.67
CA GLU A 158 12.38 18.19 17.11
C GLU A 158 12.18 17.76 15.67
N LEU A 159 11.13 16.98 15.39
CA LEU A 159 10.89 16.46 14.02
C LEU A 159 10.57 17.63 13.09
N GLU A 160 9.70 18.55 13.50
CA GLU A 160 9.34 19.75 12.71
C GLU A 160 10.60 20.54 12.36
N ASP A 161 11.51 20.68 13.32
CA ASP A 161 12.76 21.45 13.14
C ASP A 161 13.64 20.74 12.12
N LYS A 162 13.69 19.40 12.18
CA LYS A 162 14.60 18.66 11.26
C LYS A 162 14.04 18.72 9.83
N VAL A 163 12.71 18.63 9.67
CA VAL A 163 12.07 18.82 8.34
C VAL A 163 12.52 20.16 7.75
N ILE A 164 12.42 21.22 8.52
CA ILE A 164 12.82 22.58 8.04
C ILE A 164 14.31 22.59 7.67
N GLU A 165 15.20 22.08 8.53
CA GLU A 165 16.67 22.08 8.26
C GLU A 165 16.92 21.36 6.94
N LEU A 166 16.29 20.21 6.70
CA LEU A 166 16.50 19.47 5.45
C LEU A 166 15.84 20.21 4.27
N HIS A 167 14.70 20.86 4.50
CA HIS A 167 13.98 21.59 3.45
C HIS A 167 14.90 22.68 2.88
N LYS A 168 15.61 23.35 3.75
CA LYS A 168 16.56 24.41 3.34
C LYS A 168 17.54 23.89 2.29
N SER A 169 17.92 22.61 2.36
CA SER A 169 18.98 22.03 1.50
C SER A 169 18.41 21.78 0.10
N HIS A 170 17.08 21.81 -0.10
CA HIS A 170 16.46 21.39 -1.38
C HIS A 170 16.16 22.57 -2.32
N ARG A 171 16.71 23.76 -2.07
CA ARG A 171 16.45 24.93 -2.93
C ARG A 171 16.68 24.59 -4.41
N GLY A 172 15.71 24.94 -5.25
CA GLY A 172 15.75 24.77 -6.71
C GLY A 172 15.11 23.48 -7.15
N MET A 173 14.75 22.61 -6.21
CA MET A 173 14.20 21.28 -6.55
C MET A 173 12.75 21.42 -7.02
N THR A 174 12.43 20.79 -8.16
CA THR A 174 11.09 20.84 -8.77
C THR A 174 10.22 19.76 -8.11
N PRO A 175 8.87 19.84 -8.21
CA PRO A 175 8.02 18.85 -7.54
C PRO A 175 8.32 17.42 -7.96
N ALA A 176 8.52 17.16 -9.26
CA ALA A 176 8.73 15.78 -9.74
C ALA A 176 10.06 15.27 -9.20
N GLU A 177 11.06 16.16 -9.11
CA GLU A 177 12.41 15.84 -8.58
C GLU A 177 12.32 15.48 -7.07
N ALA A 178 11.57 16.27 -6.29
CA ALA A 178 11.39 16.05 -4.85
C ALA A 178 10.63 14.72 -4.65
N GLU A 179 9.60 14.48 -5.46
CA GLU A 179 8.81 13.23 -5.37
C GLU A 179 9.70 12.05 -5.73
N MET A 180 10.56 12.17 -6.73
CA MET A 180 11.46 11.06 -7.07
C MET A 180 12.42 10.85 -5.88
N HIS A 181 12.92 11.89 -5.24
CA HIS A 181 13.80 11.71 -4.05
C HIS A 181 13.02 11.02 -2.91
N PHE A 182 11.79 11.46 -2.71
CA PHE A 182 10.93 10.86 -1.68
C PHE A 182 10.89 9.34 -1.90
N LEU A 183 10.61 8.92 -3.13
CA LEU A 183 10.42 7.49 -3.47
C LEU A 183 11.73 6.69 -3.41
N GLU A 184 12.84 7.30 -3.80
CA GLU A 184 14.16 6.62 -3.79
C GLU A 184 14.51 6.28 -2.34
N ASN A 185 14.07 7.12 -1.38
CA ASN A 185 14.30 6.89 0.06
C ASN A 185 13.25 5.93 0.62
N ALA A 186 11.97 6.15 0.32
CA ALA A 186 10.87 5.33 0.89
C ALA A 186 11.00 3.87 0.45
N LYS A 187 11.44 3.62 -0.79
CA LYS A 187 11.44 2.27 -1.38
C LYS A 187 12.41 1.38 -0.60
N LYS A 188 13.35 1.97 0.13
CA LYS A 188 14.38 1.19 0.86
C LYS A 188 13.90 0.69 2.23
N LEU A 189 12.79 1.23 2.73
CA LEU A 189 12.32 0.92 4.10
C LEU A 189 11.91 -0.54 4.16
N SER A 190 12.25 -1.19 5.25
CA SER A 190 12.07 -2.67 5.35
C SER A 190 10.60 -3.03 5.11
N MET A 191 9.62 -2.18 5.46
CA MET A 191 8.17 -2.51 5.31
C MET A 191 7.57 -1.83 4.07
N TYR A 192 8.37 -1.27 3.18
CA TYR A 192 7.84 -0.67 1.94
C TYR A 192 7.02 -1.70 1.16
N GLY A 193 5.75 -1.38 0.94
CA GLY A 193 4.81 -2.14 0.11
C GLY A 193 4.52 -3.52 0.70
N VAL A 194 4.70 -3.69 2.00
CA VAL A 194 4.41 -4.98 2.70
C VAL A 194 3.00 -4.91 3.28
N ASP A 195 2.11 -5.77 2.78
CA ASP A 195 0.74 -5.95 3.29
C ASP A 195 0.82 -6.99 4.41
N LEU A 196 0.57 -6.60 5.67
CA LEU A 196 0.73 -7.51 6.84
C LEU A 196 -0.59 -8.16 7.22
N HIS A 197 -0.53 -9.45 7.54
CA HIS A 197 -1.71 -10.23 7.99
C HIS A 197 -1.35 -10.92 9.29
N HIS A 198 -2.17 -10.75 10.32
CA HIS A 198 -2.05 -11.52 11.59
C HIS A 198 -2.34 -13.01 11.33
N ALA A 199 -1.56 -13.91 11.93
CA ALA A 199 -1.72 -15.37 11.78
C ALA A 199 -1.04 -16.10 12.94
N LYS A 200 -1.33 -17.39 13.03
CA LYS A 200 -0.64 -18.33 13.95
C LYS A 200 0.09 -19.39 13.14
N ASP A 201 1.29 -19.75 13.60
CA ASP A 201 2.07 -20.85 13.00
C ASP A 201 1.39 -22.15 13.44
N SER A 202 1.78 -23.27 12.83
CA SER A 202 1.17 -24.61 13.08
C SER A 202 1.40 -25.05 14.55
N GLU A 203 2.21 -24.32 15.32
CA GLU A 203 2.39 -24.53 16.78
C GLU A 203 1.30 -23.79 17.57
N GLY A 204 0.82 -22.64 17.08
CA GLY A 204 -0.10 -21.73 17.80
C GLY A 204 0.54 -20.39 18.14
N VAL A 205 1.80 -20.18 17.76
CA VAL A 205 2.52 -18.90 18.04
C VAL A 205 1.99 -17.83 17.08
N GLU A 206 1.65 -16.66 17.61
CA GLU A 206 1.23 -15.46 16.84
C GLU A 206 2.42 -15.03 15.98
N ILE A 207 2.19 -14.91 14.68
CA ILE A 207 3.18 -14.39 13.71
C ILE A 207 2.47 -13.32 12.87
N MET A 208 3.21 -12.68 11.98
CA MET A 208 2.63 -11.83 10.93
C MET A 208 3.13 -12.37 9.60
N LEU A 209 2.25 -12.42 8.61
CA LEU A 209 2.60 -12.77 7.22
C LEU A 209 2.65 -11.48 6.38
N GLY A 210 3.75 -11.25 5.68
CA GLY A 210 3.88 -10.06 4.83
C GLY A 210 3.85 -10.43 3.37
N VAL A 211 3.06 -9.73 2.57
CA VAL A 211 2.98 -9.98 1.10
C VAL A 211 3.60 -8.77 0.42
N CYS A 212 4.56 -8.99 -0.46
CA CYS A 212 5.17 -7.87 -1.20
C CYS A 212 5.75 -8.37 -2.53
N ALA A 213 6.29 -7.47 -3.33
CA ALA A 213 6.94 -7.76 -4.63
C ALA A 213 7.88 -8.97 -4.56
N SER A 214 8.72 -9.07 -3.53
CA SER A 214 9.84 -10.03 -3.54
C SER A 214 9.33 -11.40 -3.07
N GLY A 215 8.25 -11.41 -2.30
CA GLY A 215 7.65 -12.70 -1.91
C GLY A 215 6.78 -12.62 -0.67
N LEU A 216 6.73 -13.73 0.03
CA LEU A 216 5.99 -13.87 1.30
C LEU A 216 7.02 -13.81 2.42
N LEU A 217 6.76 -12.98 3.45
CA LEU A 217 7.63 -12.85 4.65
C LEU A 217 6.88 -13.44 5.86
N ILE A 218 7.61 -14.13 6.73
CA ILE A 218 7.05 -14.63 8.02
C ILE A 218 7.85 -13.91 9.09
N TYR A 219 7.17 -13.05 9.85
CA TYR A 219 7.72 -12.29 11.01
C TYR A 219 7.34 -13.00 12.30
N ARG A 220 8.26 -13.82 12.84
CA ARG A 220 8.07 -14.60 14.10
C ARG A 220 8.22 -13.63 15.27
N ASP A 221 9.36 -12.95 15.35
CA ASP A 221 9.60 -11.79 16.25
C ASP A 221 10.94 -11.16 15.86
N ARG A 222 11.44 -10.21 16.66
CA ARG A 222 12.58 -9.32 16.30
C ARG A 222 13.74 -10.17 15.76
N LEU A 223 13.82 -11.44 16.16
CA LEU A 223 14.91 -12.36 15.74
C LEU A 223 14.34 -13.49 14.87
N ARG A 224 14.83 -13.59 13.63
CA ARG A 224 14.55 -14.71 12.69
C ARG A 224 13.29 -14.37 11.86
N ILE A 225 13.51 -13.77 10.69
CA ILE A 225 12.46 -13.47 9.66
C ILE A 225 12.67 -14.42 8.48
N ASN A 226 11.65 -15.21 8.13
CA ASN A 226 11.68 -16.12 6.97
C ASN A 226 11.18 -15.37 5.74
N ARG A 227 11.74 -15.69 4.57
CA ARG A 227 11.40 -15.04 3.27
C ARG A 227 11.24 -16.14 2.21
N PHE A 228 10.11 -16.15 1.50
CA PHE A 228 9.87 -17.07 0.35
C PHE A 228 9.68 -16.20 -0.88
N ALA A 229 10.72 -16.03 -1.70
CA ALA A 229 10.63 -15.37 -3.02
C ALA A 229 9.54 -16.07 -3.85
N TRP A 230 8.80 -15.31 -4.65
CA TRP A 230 7.64 -15.79 -5.45
C TRP A 230 8.02 -16.95 -6.37
N PRO A 231 9.20 -16.92 -7.05
CA PRO A 231 9.61 -18.06 -7.87
C PRO A 231 9.53 -19.37 -7.07
N LYS A 232 9.95 -19.36 -5.80
CA LYS A 232 10.00 -20.56 -4.92
C LYS A 232 8.63 -20.98 -4.39
N VAL A 233 7.52 -20.56 -5.02
CA VAL A 233 6.13 -20.86 -4.55
C VAL A 233 5.30 -21.34 -5.74
N LEU A 234 4.92 -22.62 -5.73
CA LEU A 234 4.22 -23.31 -6.87
C LEU A 234 2.72 -23.32 -6.62
N LYS A 235 2.31 -23.41 -5.35
CA LYS A 235 0.89 -23.44 -4.95
C LYS A 235 0.68 -22.63 -3.67
N ILE A 236 -0.36 -21.81 -3.72
CA ILE A 236 -0.96 -21.14 -2.55
C ILE A 236 -2.38 -21.71 -2.45
N SER A 237 -2.79 -22.16 -1.27
CA SER A 237 -4.18 -22.61 -1.05
C SER A 237 -4.70 -22.18 0.32
N TYR A 238 -6.02 -22.21 0.48
CA TYR A 238 -6.69 -22.02 1.78
C TYR A 238 -7.73 -23.12 1.97
N LYS A 239 -8.04 -23.40 3.22
CA LYS A 239 -9.09 -24.39 3.53
C LYS A 239 -9.54 -24.07 4.94
N ARG A 240 -10.83 -23.77 5.12
CA ARG A 240 -11.37 -23.37 6.44
C ARG A 240 -10.59 -22.11 6.88
N ASN A 241 -10.01 -22.12 8.08
CA ASN A 241 -9.29 -20.96 8.65
C ASN A 241 -7.82 -21.04 8.31
N ASN A 242 -7.41 -21.95 7.44
CA ASN A 242 -5.97 -22.27 7.24
C ASN A 242 -5.48 -21.78 5.89
N PHE A 243 -4.23 -21.37 5.89
CA PHE A 243 -3.51 -20.90 4.71
C PHE A 243 -2.27 -21.78 4.56
N TYR A 244 -2.01 -22.26 3.34
CA TYR A 244 -0.86 -23.13 2.99
C TYR A 244 -0.10 -22.58 1.79
N ILE A 245 1.23 -22.69 1.80
CA ILE A 245 2.02 -22.42 0.55
C ILE A 245 2.82 -23.65 0.15
N LYS A 246 2.82 -24.00 -1.15
CA LYS A 246 3.65 -25.11 -1.70
C LYS A 246 4.98 -24.51 -2.21
N ILE A 247 6.03 -24.71 -1.39
CA ILE A 247 7.47 -24.40 -1.66
C ILE A 247 8.04 -25.41 -2.68
N ARG A 248 8.75 -24.94 -3.71
CA ARG A 248 9.48 -25.77 -4.71
C ARG A 248 10.55 -26.59 -3.97
N PRO A 249 10.83 -27.87 -4.32
CA PRO A 249 11.93 -28.59 -3.69
C PRO A 249 13.25 -27.85 -3.99
N GLY A 250 14.17 -27.74 -3.02
CA GLY A 250 15.57 -27.33 -3.26
C GLY A 250 16.31 -28.39 -4.07
N GLU A 251 17.52 -28.10 -4.53
CA GLU A 251 18.31 -29.04 -5.39
C GLU A 251 18.55 -30.34 -4.64
N PHE A 252 18.29 -31.48 -5.28
CA PHE A 252 18.59 -32.84 -4.74
C PHE A 252 17.60 -33.20 -3.62
N GLU A 253 16.58 -32.38 -3.34
CA GLU A 253 15.47 -32.77 -2.43
C GLU A 253 14.44 -33.54 -3.25
N GLN A 254 13.86 -34.59 -2.66
CA GLN A 254 12.91 -35.48 -3.37
C GLN A 254 11.53 -34.78 -3.47
N PHE A 255 11.15 -34.00 -2.45
CA PHE A 255 9.74 -33.58 -2.22
C PHE A 255 9.61 -32.06 -2.05
N GLU A 256 8.59 -31.49 -2.68
CA GLU A 256 8.08 -30.13 -2.35
C GLU A 256 7.85 -30.08 -0.84
N SER A 257 7.78 -28.91 -0.22
CA SER A 257 7.37 -28.81 1.20
C SER A 257 6.25 -27.77 1.34
N THR A 258 5.20 -28.15 2.09
CA THR A 258 3.94 -27.39 2.28
C THR A 258 4.03 -26.73 3.66
N ILE A 259 3.85 -25.40 3.78
CA ILE A 259 3.84 -24.72 5.11
C ILE A 259 2.44 -24.12 5.33
N GLY A 260 1.94 -24.27 6.54
CA GLY A 260 0.54 -24.00 6.95
C GLY A 260 0.41 -22.99 8.08
N PHE A 261 -0.62 -22.13 8.00
CA PHE A 261 -0.88 -21.09 9.03
C PHE A 261 -2.36 -21.02 9.34
N LYS A 262 -2.67 -20.66 10.58
CA LYS A 262 -4.04 -20.44 11.10
C LYS A 262 -4.37 -18.95 11.04
N LEU A 263 -5.44 -18.59 10.33
CA LEU A 263 -5.91 -17.19 10.26
C LEU A 263 -7.10 -17.03 11.21
N PRO A 264 -7.47 -15.79 11.57
CA PRO A 264 -8.57 -15.51 12.50
C PRO A 264 -9.90 -16.17 12.14
N ASN A 265 -10.20 -16.26 10.84
CA ASN A 265 -11.47 -16.81 10.31
C ASN A 265 -11.25 -17.14 8.84
N HIS A 266 -12.26 -17.72 8.21
CA HIS A 266 -12.20 -18.21 6.82
C HIS A 266 -12.05 -17.02 5.85
N ARG A 267 -12.75 -15.91 6.12
CA ARG A 267 -12.66 -14.71 5.24
C ARG A 267 -11.21 -14.20 5.24
N ALA A 268 -10.54 -14.22 6.39
CA ALA A 268 -9.13 -13.76 6.48
C ALA A 268 -8.21 -14.69 5.68
N ALA A 269 -8.44 -16.00 5.73
CA ALA A 269 -7.59 -16.97 5.00
C ALA A 269 -7.78 -16.77 3.49
N LYS A 270 -9.02 -16.56 3.04
CA LYS A 270 -9.35 -16.35 1.62
C LYS A 270 -8.71 -15.04 1.15
N ARG A 271 -8.79 -13.99 1.97
CA ARG A 271 -8.27 -12.65 1.64
C ARG A 271 -6.75 -12.73 1.46
N LEU A 272 -6.07 -13.42 2.37
CA LEU A 272 -4.59 -13.57 2.28
C LEU A 272 -4.23 -14.37 1.03
N TRP A 273 -4.96 -15.48 0.75
CA TRP A 273 -4.72 -16.31 -0.46
C TRP A 273 -4.84 -15.42 -1.70
N LYS A 274 -5.85 -14.57 -1.77
CA LYS A 274 -6.15 -13.81 -3.01
C LYS A 274 -5.06 -12.76 -3.23
N VAL A 275 -4.68 -12.03 -2.20
CA VAL A 275 -3.62 -11.00 -2.29
C VAL A 275 -2.29 -11.67 -2.63
N CYS A 276 -2.00 -12.86 -2.11
CA CYS A 276 -0.77 -13.60 -2.49
C CYS A 276 -0.82 -13.98 -3.97
N VAL A 277 -1.90 -14.64 -4.43
CA VAL A 277 -2.04 -15.02 -5.86
C VAL A 277 -1.87 -13.77 -6.73
N GLU A 278 -2.51 -12.67 -6.34
CA GLU A 278 -2.43 -11.45 -7.17
C GLU A 278 -1.02 -10.90 -7.20
N HIS A 279 -0.33 -10.82 -6.05
CA HIS A 279 1.09 -10.35 -6.02
C HIS A 279 1.93 -11.29 -6.89
N HIS A 280 1.75 -12.60 -6.74
CA HIS A 280 2.54 -13.62 -7.48
C HIS A 280 2.41 -13.38 -8.98
N THR A 281 1.18 -13.21 -9.45
CA THR A 281 0.82 -13.06 -10.89
C THR A 281 1.38 -11.72 -11.39
N PHE A 282 1.25 -10.67 -10.60
CA PHE A 282 1.66 -9.31 -11.03
C PHE A 282 3.17 -9.25 -11.16
N PHE A 283 3.90 -9.81 -10.20
CA PHE A 283 5.35 -9.56 -10.00
C PHE A 283 6.22 -10.67 -10.59
N ARG A 284 5.67 -11.76 -11.11
CA ARG A 284 6.51 -12.85 -11.71
C ARG A 284 6.89 -12.47 -13.16
N LEU A 285 6.92 -11.17 -13.47
CA LEU A 285 7.42 -10.60 -14.75
C LEU A 285 8.63 -9.69 -14.47
N LEU A 286 9.13 -9.69 -13.23
CA LEU A 286 10.36 -8.97 -12.80
C LEU A 286 11.57 -9.90 -12.93
C10 ELQ B . 3.89 -5.44 -14.77
C13 ELQ B . 5.29 -4.47 -12.65
C15 ELQ B . 4.48 -6.34 -13.94
C01 ELQ B . -2.09 -6.89 -16.09
C03 ELQ B . -0.04 -6.73 -14.79
C04 ELQ B . 1.44 -7.12 -14.72
C06 ELQ B . 1.46 -7.19 -17.24
C07 ELQ B . 0.08 -6.57 -17.23
C08 ELQ B . 3.23 -5.89 -16.03
C11 ELQ B . 3.94 -4.07 -14.56
C12 ELQ B . 4.65 -3.59 -13.50
C14 ELQ B . 5.17 -5.84 -12.85
F16 ELQ B . 5.67 -6.64 -11.94
F17 ELQ B . 6.02 -4.04 -11.63
N02 ELQ B . -0.63 -7.20 -16.08
N05 ELQ B . 2.16 -6.81 -15.98
O09 ELQ B . 3.59 -5.41 -17.11
S DMS C . -6.93 9.20 2.80
O DMS C . -5.52 8.75 2.47
C1 DMS C . -7.44 8.19 4.17
C2 DMS C . -6.76 10.73 3.67
S DMS D . 11.14 -5.68 1.18
O DMS D . 12.23 -4.94 1.90
C1 DMS D . 9.76 -4.58 1.20
C2 DMS D . 10.57 -6.89 2.34
S DMS E . 9.27 -0.86 -11.62
O DMS E . 9.02 -0.97 -10.13
C1 DMS E . 8.40 -2.21 -12.36
C2 DMS E . 8.21 0.42 -12.23
C1 EDO F . 6.05 12.17 -18.02
O1 EDO F . 5.50 12.36 -16.72
C2 EDO F . 7.52 12.28 -18.04
O2 EDO F . 8.19 11.51 -17.04
C1 EDO G . -4.14 0.90 3.30
O1 EDO G . -5.03 2.02 3.26
C2 EDO G . -3.81 0.39 1.95
O2 EDO G . -4.94 -0.06 1.19
C1 EDO H . 0.36 -2.87 8.64
O1 EDO H . -0.97 -3.07 9.12
C2 EDO H . 0.48 -2.68 7.16
O2 EDO H . 0.37 -3.86 6.36
C1 EDO I . -1.18 16.08 5.61
O1 EDO I . -1.11 17.45 5.86
C2 EDO I . -0.07 15.63 4.79
O2 EDO I . 0.28 14.24 4.91
C1 EDO J . -19.90 -13.96 9.27
O1 EDO J . -21.02 -13.36 9.87
C2 EDO J . -19.39 -13.25 8.08
O2 EDO J . -18.87 -14.12 7.08
C1 EDO K . 1.25 -0.61 3.33
O1 EDO K . -0.07 -0.17 3.45
C2 EDO K . 1.36 -1.64 2.28
O2 EDO K . 0.14 -2.37 2.23
#